data_8F09
#
_entry.id   8F09
#
_cell.length_a   36.073
_cell.length_b   41.987
_cell.length_c   70.380
_cell.angle_alpha   82.000
_cell.angle_beta   90.000
_cell.angle_gamma   72.100
#
_symmetry.space_group_name_H-M   'P 1'
#
loop_
_entity.id
_entity.type
_entity.pdbx_description
1 polymer 'Dihydrofolate reductase'
2 non-polymer 'SULFATE ION'
3 water water
#
_entity_poly.entity_id   1
_entity_poly.type   'polypeptide(L)'
_entity_poly.pdbx_seq_one_letter_code
;GMIISLIAALTENRVIGKSNDLPWHLPDDMKYFMQTTLGHHVIMGRKNYESIPAKFRPLANRTNIVVTRQEEYDAAGCIV
VNSIPAGIDIAIDNREAEVFIIGGAEIYTQSLAFANRLYLTEIQTSLEGDAFFPMFNKHEWNELSRKHHPLDEKHRYSFD
FVIYEKK
;
_entity_poly.pdbx_strand_id   A,B
#
loop_
_chem_comp.id
_chem_comp.type
_chem_comp.name
_chem_comp.formula
SO4 non-polymer 'SULFATE ION' 'O4 S -2'
#
# COMPACT_ATOMS: atom_id res chain seq x y z
N GLY A 1 27.65 -26.05 0.01
CA GLY A 1 26.79 -25.71 1.14
C GLY A 1 25.58 -24.89 0.76
N MET A 2 24.54 -24.95 1.57
CA MET A 2 23.30 -24.22 1.32
C MET A 2 23.44 -22.82 1.92
N ILE A 3 23.24 -21.80 1.08
CA ILE A 3 23.35 -20.41 1.52
C ILE A 3 22.01 -19.98 2.11
N ILE A 4 21.98 -19.80 3.43
CA ILE A 4 20.79 -19.29 4.11
C ILE A 4 20.89 -17.77 4.13
N SER A 5 19.92 -17.11 3.50
CA SER A 5 19.97 -15.66 3.29
C SER A 5 18.73 -15.00 3.85
N LEU A 6 18.93 -13.87 4.53
CA LEU A 6 17.84 -13.01 5.00
C LEU A 6 17.88 -11.72 4.19
N ILE A 7 16.81 -11.47 3.44
CA ILE A 7 16.68 -10.25 2.64
C ILE A 7 15.64 -9.35 3.28
N ALA A 8 15.95 -8.06 3.34
CA ALA A 8 15.09 -7.11 4.04
C ALA A 8 15.37 -5.70 3.54
N ALA A 9 14.56 -4.76 4.03
CA ALA A 9 14.76 -3.34 3.81
C ALA A 9 14.70 -2.65 5.17
N LEU A 10 15.64 -1.73 5.41
CA LEU A 10 15.75 -1.11 6.72
C LEU A 10 16.32 0.29 6.57
N THR A 11 16.06 1.12 7.58
CA THR A 11 16.58 2.48 7.62
C THR A 11 18.03 2.44 8.09
N GLU A 12 18.63 3.62 8.31
CA GLU A 12 19.99 3.66 8.82
C GLU A 12 20.07 3.36 10.31
N ASN A 13 18.94 3.46 11.03
CA ASN A 13 18.88 3.06 12.43
C ASN A 13 18.17 1.72 12.61
N ARG A 14 18.15 0.89 11.57
CA ARG A 14 17.73 -0.52 11.66
C ARG A 14 16.23 -0.66 11.93
N VAL A 15 15.42 0.16 11.29
CA VAL A 15 13.97 0.08 11.47
C VAL A 15 13.38 -0.79 10.39
N ILE A 16 12.47 -1.69 10.78
CA ILE A 16 11.78 -2.59 9.87
C ILE A 16 10.29 -2.57 10.18
N GLY A 17 9.52 -3.30 9.38
CA GLY A 17 8.08 -3.27 9.48
C GLY A 17 7.47 -4.57 9.97
N LYS A 18 6.22 -4.50 10.43
CA LYS A 18 5.53 -5.64 11.03
C LYS A 18 4.51 -6.34 10.13
N SER A 19 4.06 -5.70 9.05
CA SER A 19 3.03 -6.32 8.22
C SER A 19 3.09 -5.66 6.85
N ASN A 20 1.97 -5.65 6.14
CA ASN A 20 1.90 -5.24 4.74
C ASN A 20 2.60 -4.01 4.16
N ASP A 21 2.12 -2.81 4.53
CA ASP A 21 2.58 -1.58 3.91
C ASP A 21 3.61 -1.02 4.89
N LEU A 22 4.88 -1.10 4.51
CA LEU A 22 5.99 -0.74 5.39
C LEU A 22 6.04 0.78 5.59
N PRO A 23 6.94 1.29 6.47
CA PRO A 23 7.12 2.74 6.56
C PRO A 23 7.76 3.36 5.33
N TRP A 24 7.78 2.62 4.23
CA TRP A 24 8.38 3.09 2.98
C TRP A 24 7.79 2.29 1.83
N HIS A 25 7.52 2.98 0.72
CA HIS A 25 7.06 2.35 -0.51
C HIS A 25 8.17 2.51 -1.55
N LEU A 26 8.79 1.38 -1.91
CA LEU A 26 9.89 1.37 -2.88
C LEU A 26 9.58 0.31 -3.94
N PRO A 27 9.12 0.72 -5.12
CA PRO A 27 8.80 -0.29 -6.17
C PRO A 27 10.01 -1.06 -6.65
N ASP A 28 11.15 -0.39 -6.85
CA ASP A 28 12.34 -1.09 -7.31
C ASP A 28 12.91 -2.02 -6.23
N ASP A 29 12.52 -1.84 -4.98
CA ASP A 29 12.94 -2.77 -3.93
C ASP A 29 12.20 -4.09 -4.01
N MET A 30 10.87 -4.03 -4.20
CA MET A 30 10.10 -5.25 -4.40
C MET A 30 10.51 -5.94 -5.69
N LYS A 31 10.78 -5.16 -6.74
CA LYS A 31 11.26 -5.74 -7.99
C LYS A 31 12.64 -6.37 -7.82
N TYR A 32 13.50 -5.74 -7.01
CA TYR A 32 14.78 -6.35 -6.66
C TYR A 32 14.56 -7.64 -5.89
N PHE A 33 13.59 -7.65 -4.98
CA PHE A 33 13.25 -8.87 -4.25
C PHE A 33 12.69 -9.93 -5.17
N MET A 34 12.07 -9.53 -6.28
CA MET A 34 11.53 -10.49 -7.23
C MET A 34 12.62 -11.13 -8.08
N GLN A 35 13.57 -10.32 -8.56
CA GLN A 35 14.67 -10.86 -9.35
C GLN A 35 15.61 -11.72 -8.51
N THR A 36 15.77 -11.38 -7.23
CA THR A 36 16.73 -12.07 -6.38
C THR A 36 16.22 -13.44 -5.95
N THR A 37 14.94 -13.55 -5.62
CA THR A 37 14.36 -14.78 -5.11
C THR A 37 13.67 -15.61 -6.19
N LEU A 38 13.99 -15.35 -7.46
CA LEU A 38 13.38 -16.11 -8.55
C LEU A 38 14.00 -17.50 -8.63
N GLY A 39 13.18 -18.53 -8.46
CA GLY A 39 13.63 -19.90 -8.55
C GLY A 39 14.15 -20.51 -7.26
N HIS A 40 14.19 -19.73 -6.18
CA HIS A 40 14.67 -20.22 -4.89
C HIS A 40 13.51 -20.43 -3.93
N HIS A 41 13.82 -21.05 -2.79
CA HIS A 41 12.86 -21.21 -1.73
C HIS A 41 12.77 -19.92 -0.92
N VAL A 42 11.56 -19.55 -0.52
CA VAL A 42 11.33 -18.33 0.24
C VAL A 42 10.57 -18.70 1.51
N ILE A 43 11.11 -18.33 2.66
CA ILE A 43 10.47 -18.53 3.95
C ILE A 43 9.89 -17.19 4.40
N MET A 44 8.57 -17.15 4.55
CA MET A 44 7.87 -15.92 4.90
C MET A 44 7.00 -16.17 6.13
N GLY A 45 6.77 -15.09 6.89
CA GLY A 45 5.93 -15.15 8.05
C GLY A 45 4.46 -15.20 7.70
N ARG A 46 3.63 -15.34 8.73
CA ARG A 46 2.18 -15.41 8.52
C ARG A 46 1.64 -14.10 7.98
N LYS A 47 2.20 -12.97 8.42
CA LYS A 47 1.73 -11.66 7.97
C LYS A 47 2.24 -11.31 6.58
N ASN A 48 3.36 -11.89 6.14
CA ASN A 48 3.87 -11.58 4.82
C ASN A 48 2.99 -12.19 3.73
N TYR A 49 2.56 -13.44 3.92
CA TYR A 49 1.76 -14.11 2.90
C TYR A 49 0.35 -13.55 2.84
N GLU A 50 -0.26 -13.29 3.99
CA GLU A 50 -1.61 -12.74 4.00
C GLU A 50 -1.65 -11.32 3.43
N SER A 51 -0.54 -10.61 3.46
CA SER A 51 -0.47 -9.27 2.88
C SER A 51 -0.42 -9.31 1.35
N ILE A 52 0.05 -10.41 0.77
CA ILE A 52 0.13 -10.53 -0.69
C ILE A 52 -1.29 -10.62 -1.25
N PRO A 53 -1.63 -9.86 -2.29
CA PRO A 53 -2.95 -10.00 -2.91
C PRO A 53 -3.12 -11.39 -3.50
N ALA A 54 -4.33 -11.94 -3.34
CA ALA A 54 -4.60 -13.30 -3.82
C ALA A 54 -4.39 -13.43 -5.33
N LYS A 55 -4.41 -12.31 -6.07
CA LYS A 55 -4.14 -12.37 -7.50
C LYS A 55 -2.72 -12.85 -7.78
N PHE A 56 -1.74 -12.33 -7.03
CA PHE A 56 -0.35 -12.72 -7.15
C PHE A 56 0.09 -13.66 -6.03
N ARG A 57 -0.85 -14.32 -5.36
CA ARG A 57 -0.55 -15.21 -4.25
C ARG A 57 -0.98 -16.63 -4.62
N PRO A 58 -0.09 -17.63 -4.47
CA PRO A 58 1.30 -17.51 -3.99
C PRO A 58 2.23 -16.92 -5.04
N LEU A 59 3.49 -16.69 -4.68
CA LEU A 59 4.43 -16.07 -5.59
C LEU A 59 4.78 -17.01 -6.74
N ALA A 60 4.79 -16.47 -7.95
CA ALA A 60 5.03 -17.27 -9.14
C ALA A 60 6.49 -17.69 -9.22
N ASN A 61 6.71 -18.90 -9.75
CA ASN A 61 8.05 -19.45 -9.96
C ASN A 61 8.85 -19.50 -8.65
N ARG A 62 8.15 -19.82 -7.55
CA ARG A 62 8.79 -19.85 -6.25
C ARG A 62 8.15 -20.95 -5.41
N THR A 63 8.96 -21.51 -4.50
CA THR A 63 8.49 -22.49 -3.52
C THR A 63 8.19 -21.72 -2.23
N ASN A 64 6.92 -21.35 -2.05
CA ASN A 64 6.52 -20.52 -0.93
C ASN A 64 6.42 -21.35 0.33
N ILE A 65 7.21 -20.99 1.34
CA ILE A 65 7.18 -21.62 2.66
C ILE A 65 6.69 -20.60 3.67
N VAL A 66 5.66 -20.95 4.42
CA VAL A 66 5.06 -20.06 5.41
C VAL A 66 5.25 -20.69 6.78
N VAL A 67 5.89 -19.93 7.68
CA VAL A 67 6.10 -20.36 9.06
C VAL A 67 5.04 -19.71 9.93
N THR A 68 4.34 -20.53 10.72
CA THR A 68 3.30 -20.03 11.60
C THR A 68 3.03 -21.04 12.70
N ARG A 69 2.71 -20.53 13.89
CA ARG A 69 2.32 -21.38 15.00
C ARG A 69 0.86 -21.79 14.96
N GLN A 70 0.08 -21.24 14.03
CA GLN A 70 -1.34 -21.58 13.91
C GLN A 70 -1.47 -23.01 13.42
N GLU A 71 -2.03 -23.88 14.27
CA GLU A 71 -2.17 -25.28 13.91
C GLU A 71 -3.21 -25.44 12.81
N GLU A 72 -2.87 -26.22 11.79
CA GLU A 72 -3.72 -26.45 10.62
C GLU A 72 -4.10 -25.13 9.96
N TYR A 73 -3.15 -24.21 9.90
CA TYR A 73 -3.34 -22.99 9.11
C TYR A 73 -3.28 -23.33 7.64
N ASP A 74 -4.33 -22.95 6.90
CA ASP A 74 -4.50 -23.41 5.53
C ASP A 74 -3.84 -22.43 4.56
N ALA A 75 -2.94 -22.94 3.72
CA ALA A 75 -2.31 -22.17 2.66
C ALA A 75 -2.12 -23.11 1.47
N ALA A 76 -2.88 -22.89 0.41
CA ALA A 76 -2.84 -23.75 -0.77
C ALA A 76 -1.79 -23.24 -1.74
N GLY A 77 -1.11 -24.18 -2.40
CA GLY A 77 0.00 -23.85 -3.27
C GLY A 77 1.29 -23.58 -2.55
N CYS A 78 1.29 -23.57 -1.22
CA CYS A 78 2.48 -23.34 -0.42
C CYS A 78 2.67 -24.50 0.55
N ILE A 79 3.89 -24.61 1.07
CA ILE A 79 4.20 -25.54 2.14
C ILE A 79 4.10 -24.79 3.46
N VAL A 80 3.63 -25.48 4.50
CA VAL A 80 3.36 -24.87 5.79
C VAL A 80 4.18 -25.61 6.85
N VAL A 81 4.97 -24.85 7.61
CA VAL A 81 5.77 -25.39 8.70
C VAL A 81 5.48 -24.59 9.96
N ASN A 82 5.82 -25.18 11.11
CA ASN A 82 5.59 -24.55 12.40
C ASN A 82 6.82 -23.84 12.95
N SER A 83 7.99 -24.04 12.35
CA SER A 83 9.20 -23.38 12.80
C SER A 83 10.09 -23.12 11.60
N ILE A 84 10.98 -22.14 11.76
CA ILE A 84 11.91 -21.80 10.68
C ILE A 84 12.86 -22.94 10.35
N PRO A 85 13.44 -23.67 11.31
CA PRO A 85 14.25 -24.84 10.93
C PRO A 85 13.50 -25.87 10.11
N ALA A 86 12.21 -26.06 10.37
CA ALA A 86 11.43 -27.01 9.57
C ALA A 86 11.39 -26.60 8.11
N GLY A 87 11.26 -25.30 7.84
CA GLY A 87 11.36 -24.83 6.47
C GLY A 87 12.76 -24.93 5.90
N ILE A 88 13.77 -24.84 6.76
CA ILE A 88 15.15 -25.05 6.31
C ILE A 88 15.37 -26.52 5.98
N ASP A 89 14.81 -27.43 6.79
CA ASP A 89 14.96 -28.85 6.55
C ASP A 89 14.27 -29.30 5.27
N ILE A 90 13.27 -28.56 4.79
CA ILE A 90 12.64 -28.89 3.52
C ILE A 90 13.50 -28.39 2.36
N ALA A 91 14.12 -27.21 2.50
CA ALA A 91 14.91 -26.66 1.41
C ALA A 91 16.16 -27.50 1.14
N ILE A 92 16.77 -28.06 2.20
CA ILE A 92 17.93 -28.91 1.99
C ILE A 92 17.53 -30.23 1.34
N ASP A 93 16.29 -30.68 1.59
CA ASP A 93 15.83 -31.93 0.98
C ASP A 93 15.66 -31.77 -0.53
N ASN A 94 15.22 -30.61 -0.98
CA ASN A 94 15.02 -30.34 -2.40
C ASN A 94 16.29 -29.86 -3.10
N ARG A 95 17.45 -30.00 -2.46
CA ARG A 95 18.74 -29.67 -3.06
C ARG A 95 18.80 -28.21 -3.51
N GLU A 96 18.16 -27.33 -2.74
CA GLU A 96 18.20 -25.91 -3.05
C GLU A 96 19.61 -25.36 -2.84
N ALA A 97 20.01 -24.45 -3.73
CA ALA A 97 21.33 -23.84 -3.63
C ALA A 97 21.36 -22.62 -2.73
N GLU A 98 20.23 -21.95 -2.51
CA GLU A 98 20.19 -20.76 -1.68
C GLU A 98 18.75 -20.51 -1.26
N VAL A 99 18.51 -20.44 0.05
CA VAL A 99 17.18 -20.22 0.60
C VAL A 99 17.09 -18.79 1.09
N PHE A 100 15.88 -18.22 1.00
CA PHE A 100 15.64 -16.84 1.41
C PHE A 100 14.59 -16.82 2.52
N ILE A 101 14.72 -15.82 3.40
CA ILE A 101 13.87 -15.69 4.58
C ILE A 101 13.45 -14.24 4.72
N ILE A 102 12.15 -14.00 4.88
CA ILE A 102 11.60 -12.67 5.10
C ILE A 102 10.64 -12.71 6.28
N GLY A 103 10.38 -11.54 6.84
CA GLY A 103 9.49 -11.42 7.98
C GLY A 103 9.78 -10.14 8.74
N GLY A 104 9.42 -10.17 10.02
CA GLY A 104 9.63 -9.05 10.92
C GLY A 104 10.88 -9.22 11.76
N ALA A 105 10.84 -8.67 12.98
CA ALA A 105 11.99 -8.75 13.87
C ALA A 105 12.08 -10.10 14.56
N GLU A 106 10.94 -10.75 14.79
CA GLU A 106 10.97 -12.06 15.44
C GLU A 106 11.58 -13.13 14.53
N ILE A 107 11.40 -13.00 13.22
CA ILE A 107 11.90 -14.01 12.29
C ILE A 107 13.38 -13.81 12.05
N TYR A 108 13.81 -12.56 11.84
CA TYR A 108 15.23 -12.30 11.60
C TYR A 108 16.07 -12.59 12.84
N THR A 109 15.49 -12.43 14.04
CA THR A 109 16.21 -12.76 15.26
C THR A 109 16.35 -14.27 15.42
N GLN A 110 15.33 -15.02 15.02
CA GLN A 110 15.39 -16.47 15.13
C GLN A 110 16.30 -17.09 14.07
N SER A 111 16.33 -16.49 12.87
CA SER A 111 17.09 -17.03 11.75
C SER A 111 18.47 -16.42 11.61
N LEU A 112 18.84 -15.46 12.45
CA LEU A 112 20.18 -14.89 12.39
C LEU A 112 21.25 -15.89 12.82
N ALA A 113 20.88 -16.90 13.62
CA ALA A 113 21.84 -17.88 14.09
C ALA A 113 22.30 -18.84 13.00
N PHE A 114 21.55 -18.93 11.89
CA PHE A 114 21.92 -19.80 10.78
C PHE A 114 22.20 -19.04 9.50
N ALA A 115 22.18 -17.71 9.52
CA ALA A 115 22.34 -16.93 8.30
C ALA A 115 23.81 -16.88 7.89
N ASN A 116 24.07 -17.19 6.61
CA ASN A 116 25.39 -17.05 6.03
C ASN A 116 25.47 -15.91 5.01
N ARG A 117 24.34 -15.38 4.58
CA ARG A 117 24.30 -14.25 3.66
C ARG A 117 23.23 -13.27 4.13
N LEU A 118 23.39 -12.01 3.75
CA LEU A 118 22.50 -10.95 4.20
C LEU A 118 22.29 -9.97 3.05
N TYR A 119 21.05 -9.87 2.57
CA TYR A 119 20.68 -9.00 1.46
C TYR A 119 19.91 -7.82 2.03
N LEU A 120 20.64 -6.81 2.51
CA LEU A 120 20.02 -5.64 3.11
C LEU A 120 19.80 -4.55 2.06
N THR A 121 18.61 -3.96 2.08
CA THR A 121 18.30 -2.77 1.29
C THR A 121 18.34 -1.59 2.26
N GLU A 122 19.52 -1.01 2.41
CA GLU A 122 19.75 0.04 3.41
C GLU A 122 19.17 1.35 2.89
N ILE A 123 18.03 1.74 3.44
CA ILE A 123 17.38 3.00 3.08
C ILE A 123 18.07 4.13 3.83
N GLN A 124 18.63 5.08 3.09
CA GLN A 124 19.38 6.19 3.69
C GLN A 124 18.39 7.19 4.29
N THR A 125 17.85 6.82 5.45
CA THR A 125 16.92 7.65 6.19
C THR A 125 16.83 7.13 7.61
N SER A 126 16.21 7.92 8.48
CA SER A 126 16.02 7.56 9.87
C SER A 126 14.57 7.77 10.23
N LEU A 127 13.92 6.72 10.75
CA LEU A 127 12.52 6.75 11.12
C LEU A 127 12.36 6.29 12.57
N GLU A 128 11.28 6.77 13.21
CA GLU A 128 10.94 6.27 14.53
C GLU A 128 10.33 4.88 14.40
N GLY A 129 10.97 3.90 15.01
CA GLY A 129 10.56 2.51 14.87
C GLY A 129 10.41 1.81 16.20
N ASP A 130 9.53 0.82 16.22
CA ASP A 130 9.34 -0.05 17.36
C ASP A 130 9.82 -1.47 17.13
N ALA A 131 10.12 -1.83 15.88
CA ALA A 131 10.69 -3.13 15.54
C ALA A 131 11.97 -2.90 14.76
N PHE A 132 13.00 -3.70 15.04
CA PHE A 132 14.32 -3.46 14.51
C PHE A 132 14.95 -4.74 13.98
N PHE A 133 15.78 -4.58 12.95
CA PHE A 133 16.59 -5.67 12.46
C PHE A 133 17.62 -6.06 13.52
N PRO A 134 17.84 -7.35 13.74
CA PRO A 134 18.77 -7.77 14.80
C PRO A 134 20.18 -7.26 14.55
N MET A 135 20.88 -6.97 15.64
CA MET A 135 22.26 -6.53 15.55
C MET A 135 23.16 -7.68 15.11
N PHE A 136 24.09 -7.38 14.21
CA PHE A 136 25.09 -8.34 13.78
C PHE A 136 26.45 -7.67 13.76
N ASN A 137 27.47 -8.40 14.22
CA ASN A 137 28.82 -7.86 14.27
C ASN A 137 29.34 -7.61 12.87
N LYS A 138 29.68 -6.36 12.56
CA LYS A 138 30.23 -6.03 11.25
C LYS A 138 31.61 -6.63 11.05
N HIS A 139 32.27 -7.08 12.12
CA HIS A 139 33.55 -7.77 11.98
C HIS A 139 33.37 -9.19 11.50
N GLU A 140 32.21 -9.80 11.76
CA GLU A 140 31.94 -11.18 11.36
C GLU A 140 31.40 -11.29 9.94
N TRP A 141 31.12 -10.18 9.27
CA TRP A 141 30.56 -10.20 7.94
C TRP A 141 31.40 -9.33 7.00
N ASN A 142 31.26 -9.59 5.71
CA ASN A 142 31.96 -8.84 4.68
C ASN A 142 30.96 -8.42 3.60
N GLU A 143 31.12 -7.19 3.13
CA GLU A 143 30.22 -6.62 2.13
C GLU A 143 30.65 -7.10 0.74
N LEU A 144 29.81 -7.91 0.10
CA LEU A 144 30.13 -8.42 -1.23
C LEU A 144 29.74 -7.43 -2.32
N SER A 145 28.58 -6.79 -2.17
CA SER A 145 28.08 -5.88 -3.20
C SER A 145 27.37 -4.70 -2.55
N ARG A 146 27.34 -3.59 -3.28
CA ARG A 146 26.64 -2.39 -2.84
C ARG A 146 26.26 -1.58 -4.07
N LYS A 147 24.96 -1.38 -4.28
CA LYS A 147 24.45 -0.68 -5.46
C LYS A 147 23.53 0.44 -4.99
N HIS A 148 23.96 1.69 -5.18
CA HIS A 148 23.19 2.83 -4.73
C HIS A 148 22.05 3.11 -5.71
N HIS A 149 20.81 3.09 -5.20
CA HIS A 149 19.65 3.46 -5.98
C HIS A 149 19.26 4.88 -5.62
N PRO A 150 19.45 5.86 -6.51
CA PRO A 150 19.11 7.24 -6.17
C PRO A 150 17.60 7.45 -6.11
N LEU A 151 17.21 8.48 -5.37
CA LEU A 151 15.80 8.81 -5.25
C LEU A 151 15.30 9.46 -6.54
N ASP A 152 14.03 9.23 -6.84
CA ASP A 152 13.41 9.76 -8.05
C ASP A 152 11.95 10.10 -7.73
N GLU A 153 11.14 10.28 -8.76
CA GLU A 153 9.72 10.55 -8.58
C GLU A 153 8.92 9.31 -8.22
N LYS A 154 9.57 8.14 -8.16
CA LYS A 154 8.93 6.91 -7.70
C LYS A 154 9.53 6.38 -6.41
N HIS A 155 10.57 7.01 -5.90
CA HIS A 155 11.22 6.59 -4.66
C HIS A 155 11.50 7.84 -3.82
N ARG A 156 10.67 8.07 -2.81
CA ARG A 156 10.84 9.24 -1.96
C ARG A 156 12.16 9.19 -1.20
N TYR A 157 12.66 8.00 -0.90
CA TYR A 157 13.93 7.82 -0.22
C TYR A 157 14.96 7.21 -1.17
N SER A 158 16.23 7.45 -0.86
CA SER A 158 17.34 6.82 -1.56
C SER A 158 17.82 5.61 -0.75
N PHE A 159 18.21 4.55 -1.45
CA PHE A 159 18.53 3.29 -0.80
C PHE A 159 19.62 2.57 -1.59
N ASP A 160 20.29 1.64 -0.91
CA ASP A 160 21.36 0.85 -1.50
C ASP A 160 21.02 -0.63 -1.39
N PHE A 161 21.36 -1.39 -2.44
CA PHE A 161 21.22 -2.84 -2.42
C PHE A 161 22.55 -3.45 -2.00
N VAL A 162 22.61 -3.96 -0.78
CA VAL A 162 23.85 -4.45 -0.19
C VAL A 162 23.73 -5.96 0.04
N ILE A 163 24.87 -6.65 -0.06
CA ILE A 163 24.95 -8.08 0.19
C ILE A 163 26.10 -8.31 1.16
N TYR A 164 25.79 -8.94 2.29
CA TYR A 164 26.80 -9.33 3.28
C TYR A 164 26.92 -10.85 3.30
N GLU A 165 28.09 -11.32 3.74
CA GLU A 165 28.35 -12.74 3.86
C GLU A 165 29.13 -13.01 5.13
N LYS A 166 28.90 -14.17 5.72
CA LYS A 166 29.60 -14.56 6.94
C LYS A 166 31.01 -15.01 6.60
N LYS A 167 31.99 -14.51 7.36
CA LYS A 167 33.39 -14.86 7.14
C LYS A 167 33.65 -16.31 7.51
N GLY B 1 -2.15 -1.60 8.65
CA GLY B 1 -2.34 -1.45 7.22
C GLY B 1 -2.94 -0.10 6.84
N MET B 2 -2.27 0.60 5.92
CA MET B 2 -2.77 1.88 5.45
C MET B 2 -3.99 1.68 4.58
N ILE B 3 -5.12 2.24 4.99
CA ILE B 3 -6.37 2.09 4.26
C ILE B 3 -6.43 3.15 3.18
N ILE B 4 -6.32 2.73 1.93
CA ILE B 4 -6.45 3.62 0.78
C ILE B 4 -7.90 3.58 0.32
N SER B 5 -8.58 4.72 0.40
CA SER B 5 -10.02 4.79 0.15
C SER B 5 -10.30 5.79 -0.96
N LEU B 6 -11.22 5.43 -1.85
CA LEU B 6 -11.76 6.33 -2.86
C LEU B 6 -13.20 6.63 -2.52
N ILE B 7 -13.54 7.92 -2.47
CA ILE B 7 -14.89 8.37 -2.15
C ILE B 7 -15.42 9.17 -3.33
N ALA B 8 -16.60 8.80 -3.81
CA ALA B 8 -17.18 9.47 -4.97
C ALA B 8 -18.70 9.37 -4.89
N ALA B 9 -19.35 10.13 -5.78
CA ALA B 9 -20.79 10.04 -5.99
C ALA B 9 -21.04 9.64 -7.44
N LEU B 10 -21.94 8.68 -7.64
CA LEU B 10 -22.17 8.15 -8.97
C LEU B 10 -23.63 7.72 -9.09
N THR B 11 -24.10 7.66 -10.33
CA THR B 11 -25.45 7.22 -10.63
C THR B 11 -25.51 5.69 -10.58
N GLU B 12 -26.64 5.12 -10.99
CA GLU B 12 -26.74 3.67 -11.05
C GLU B 12 -26.03 3.09 -12.27
N ASN B 13 -25.85 3.88 -13.33
CA ASN B 13 -25.05 3.48 -14.48
C ASN B 13 -23.62 4.02 -14.39
N ARG B 14 -23.17 4.37 -13.19
CA ARG B 14 -21.77 4.71 -12.92
C ARG B 14 -21.32 5.99 -13.59
N VAL B 15 -22.19 6.98 -13.71
CA VAL B 15 -21.84 8.27 -14.30
C VAL B 15 -21.30 9.18 -13.21
N ILE B 16 -20.18 9.83 -13.48
CA ILE B 16 -19.59 10.78 -12.53
C ILE B 16 -19.40 12.13 -13.21
N GLY B 17 -18.80 13.08 -12.48
CA GLY B 17 -18.60 14.42 -12.99
C GLY B 17 -17.13 14.80 -12.97
N LYS B 18 -16.85 15.99 -13.51
CA LYS B 18 -15.48 16.47 -13.69
C LYS B 18 -15.22 17.70 -12.82
N SER B 19 -15.83 18.84 -13.14
CA SER B 19 -15.43 20.10 -12.51
C SER B 19 -16.20 20.41 -11.23
N ASN B 20 -16.49 21.70 -11.01
CA ASN B 20 -16.98 22.15 -9.71
C ASN B 20 -18.39 21.64 -9.43
N ASP B 21 -19.35 21.99 -10.29
CA ASP B 21 -20.74 21.59 -10.09
C ASP B 21 -21.05 20.42 -11.04
N LEU B 22 -20.91 19.22 -10.52
CA LEU B 22 -21.15 17.97 -11.26
C LEU B 22 -22.67 17.76 -11.36
N PRO B 23 -23.14 16.72 -12.13
CA PRO B 23 -24.53 16.74 -12.57
C PRO B 23 -25.57 16.48 -11.47
N TRP B 24 -25.28 16.88 -10.23
CA TRP B 24 -26.23 16.75 -9.15
C TRP B 24 -25.80 17.65 -8.00
N HIS B 25 -26.78 18.12 -7.23
CA HIS B 25 -26.55 18.94 -6.05
C HIS B 25 -27.16 18.23 -4.86
N LEU B 26 -26.31 17.63 -4.02
CA LEU B 26 -26.73 16.93 -2.82
C LEU B 26 -25.99 17.53 -1.63
N PRO B 27 -26.64 18.41 -0.86
CA PRO B 27 -25.91 19.05 0.26
C PRO B 27 -25.43 18.07 1.31
N ASP B 28 -26.24 17.07 1.66
CA ASP B 28 -25.83 16.08 2.66
C ASP B 28 -24.76 15.14 2.14
N ASP B 29 -24.55 15.07 0.83
CA ASP B 29 -23.44 14.28 0.30
C ASP B 29 -22.11 14.95 0.59
N MET B 30 -22.03 16.27 0.38
CA MET B 30 -20.83 17.01 0.78
C MET B 30 -20.67 16.98 2.30
N LYS B 31 -21.77 17.10 3.04
CA LYS B 31 -21.71 16.98 4.50
C LYS B 31 -21.20 15.62 4.91
N TYR B 32 -21.62 14.57 4.19
CA TYR B 32 -21.10 13.23 4.46
C TYR B 32 -19.62 13.15 4.12
N PHE B 33 -19.20 13.80 3.04
CA PHE B 33 -17.79 13.82 2.68
C PHE B 33 -16.96 14.60 3.70
N MET B 34 -17.55 15.59 4.36
CA MET B 34 -16.84 16.35 5.38
C MET B 34 -16.68 15.54 6.66
N GLN B 35 -17.70 14.76 7.04
CA GLN B 35 -17.60 13.95 8.24
C GLN B 35 -16.67 12.75 8.04
N THR B 36 -16.61 12.22 6.81
CA THR B 36 -15.81 11.04 6.55
C THR B 36 -14.33 11.37 6.47
N THR B 37 -13.97 12.48 5.84
CA THR B 37 -12.58 12.87 5.63
C THR B 37 -12.03 13.74 6.76
N LEU B 38 -12.77 13.90 7.84
CA LEU B 38 -12.32 14.76 8.94
C LEU B 38 -11.15 14.10 9.67
N GLY B 39 -10.00 14.76 9.66
CA GLY B 39 -8.82 14.27 10.34
C GLY B 39 -7.92 13.37 9.53
N HIS B 40 -8.25 13.11 8.27
CA HIS B 40 -7.46 12.24 7.40
C HIS B 40 -6.80 13.03 6.29
N HIS B 41 -5.92 12.37 5.56
CA HIS B 41 -5.31 12.95 4.37
C HIS B 41 -6.27 12.81 3.20
N VAL B 42 -6.51 13.91 2.50
CA VAL B 42 -7.43 13.96 1.38
C VAL B 42 -6.62 14.33 0.15
N ILE B 43 -6.33 13.36 -0.69
CA ILE B 43 -5.70 13.63 -1.97
C ILE B 43 -6.76 14.10 -2.95
N MET B 44 -6.46 15.13 -3.72
CA MET B 44 -7.45 15.80 -4.56
C MET B 44 -6.84 16.12 -5.92
N GLY B 45 -7.68 16.04 -6.95
CA GLY B 45 -7.26 16.48 -8.26
C GLY B 45 -7.10 17.99 -8.32
N ARG B 46 -6.35 18.44 -9.33
CA ARG B 46 -6.15 19.87 -9.50
C ARG B 46 -7.47 20.59 -9.76
N LYS B 47 -8.29 20.04 -10.67
CA LYS B 47 -9.59 20.64 -10.96
C LYS B 47 -10.51 20.66 -9.73
N ASN B 48 -10.28 19.75 -8.78
CA ASN B 48 -11.08 19.76 -7.56
C ASN B 48 -10.67 20.88 -6.61
N TYR B 49 -9.39 21.26 -6.62
CA TYR B 49 -8.93 22.30 -5.69
C TYR B 49 -9.38 23.68 -6.13
N GLU B 50 -9.17 24.02 -7.42
CA GLU B 50 -9.64 25.29 -7.94
C GLU B 50 -11.15 25.40 -7.95
N SER B 51 -11.87 24.31 -7.70
CA SER B 51 -13.33 24.35 -7.62
C SER B 51 -13.80 24.86 -6.27
N ILE B 52 -13.06 24.57 -5.21
CA ILE B 52 -13.46 25.00 -3.86
C ILE B 52 -13.36 26.52 -3.76
N PRO B 53 -14.35 27.20 -3.18
CA PRO B 53 -14.22 28.64 -2.97
C PRO B 53 -13.03 28.95 -2.08
N ALA B 54 -12.34 30.05 -2.40
CA ALA B 54 -11.14 30.43 -1.67
C ALA B 54 -11.41 30.69 -0.20
N LYS B 55 -12.66 30.99 0.17
CA LYS B 55 -12.99 31.21 1.58
C LYS B 55 -12.75 29.94 2.39
N PHE B 56 -13.31 28.81 1.94
CA PHE B 56 -13.13 27.52 2.58
C PHE B 56 -11.96 26.74 1.99
N ARG B 57 -10.93 27.42 1.51
CA ARG B 57 -9.80 26.79 0.85
C ARG B 57 -8.50 27.12 1.57
N PRO B 58 -7.70 26.11 1.96
CA PRO B 58 -7.94 24.67 1.80
C PRO B 58 -8.95 24.15 2.81
N LEU B 59 -9.21 22.85 2.84
CA LEU B 59 -10.22 22.30 3.73
C LEU B 59 -9.70 22.28 5.16
N ALA B 60 -10.54 22.73 6.09
CA ALA B 60 -10.14 22.84 7.48
C ALA B 60 -9.99 21.45 8.11
N ASN B 61 -9.03 21.34 9.02
CA ASN B 61 -8.74 20.10 9.76
C ASN B 61 -8.49 18.94 8.80
N ARG B 62 -7.71 19.20 7.75
CA ARG B 62 -7.39 18.19 6.75
C ARG B 62 -6.03 18.48 6.16
N THR B 63 -5.34 17.43 5.75
CA THR B 63 -4.06 17.54 5.03
C THR B 63 -4.37 17.49 3.54
N ASN B 64 -4.34 18.65 2.90
CA ASN B 64 -4.75 18.77 1.51
C ASN B 64 -3.57 18.44 0.60
N ILE B 65 -3.69 17.33 -0.13
CA ILE B 65 -2.70 16.93 -1.13
C ILE B 65 -3.36 17.05 -2.50
N VAL B 66 -2.70 17.74 -3.42
CA VAL B 66 -3.23 17.97 -4.76
C VAL B 66 -2.27 17.36 -5.77
N VAL B 67 -2.80 16.55 -6.68
CA VAL B 67 -2.04 15.96 -7.77
C VAL B 67 -2.19 16.83 -9.01
N THR B 68 -1.07 17.17 -9.63
CA THR B 68 -1.09 17.97 -10.85
C THR B 68 0.23 17.80 -11.59
N ARG B 69 0.15 17.88 -12.91
CA ARG B 69 1.33 17.91 -13.76
C ARG B 69 1.78 19.34 -14.05
N GLN B 70 1.18 20.32 -13.40
CA GLN B 70 1.53 21.72 -13.63
C GLN B 70 2.85 22.05 -12.95
N GLU B 71 3.67 22.85 -13.64
CA GLU B 71 4.96 23.28 -13.12
C GLU B 71 4.81 24.64 -12.45
N GLU B 72 5.44 24.79 -11.28
CA GLU B 72 5.26 25.97 -10.43
C GLU B 72 3.79 26.19 -10.09
N TYR B 73 3.09 25.10 -9.75
CA TYR B 73 1.71 25.22 -9.31
C TYR B 73 1.66 25.78 -7.89
N ASP B 74 0.77 26.75 -7.67
CA ASP B 74 0.67 27.44 -6.40
C ASP B 74 -0.54 26.89 -5.63
N ALA B 75 -0.29 26.46 -4.40
CA ALA B 75 -1.35 25.98 -3.52
C ALA B 75 -0.92 26.09 -2.07
N ALA B 76 -0.99 27.30 -1.51
CA ALA B 76 -0.58 27.51 -0.13
C ALA B 76 -1.51 26.76 0.82
N GLY B 77 -0.93 26.25 1.90
CA GLY B 77 -1.67 25.41 2.83
C GLY B 77 -1.91 24.00 2.37
N CYS B 78 -1.40 23.62 1.19
CA CYS B 78 -1.58 22.29 0.66
C CYS B 78 -0.22 21.71 0.29
N ILE B 79 -0.18 20.39 0.13
CA ILE B 79 0.99 19.68 -0.36
C ILE B 79 0.77 19.37 -1.83
N VAL B 80 1.79 19.64 -2.65
CA VAL B 80 1.69 19.48 -4.10
C VAL B 80 2.59 18.32 -4.51
N VAL B 81 2.00 17.34 -5.19
CA VAL B 81 2.72 16.19 -5.74
C VAL B 81 2.39 16.08 -7.22
N ASN B 82 3.20 15.28 -7.92
CA ASN B 82 3.04 15.09 -9.36
C ASN B 82 2.29 13.82 -9.73
N SER B 83 2.12 12.89 -8.79
CA SER B 83 1.48 11.62 -9.09
C SER B 83 0.76 11.12 -7.85
N ILE B 84 -0.26 10.28 -8.08
CA ILE B 84 -1.07 9.73 -6.98
C ILE B 84 -0.27 8.80 -6.07
N PRO B 85 0.77 8.08 -6.52
CA PRO B 85 1.58 7.34 -5.53
C PRO B 85 2.41 8.25 -4.66
N ALA B 86 2.88 9.39 -5.19
CA ALA B 86 3.66 10.31 -4.38
C ALA B 86 2.85 10.89 -3.23
N GLY B 87 1.57 11.22 -3.50
CA GLY B 87 0.67 11.62 -2.43
C GLY B 87 0.38 10.52 -1.43
N ILE B 88 0.50 9.26 -1.84
CA ILE B 88 0.31 8.16 -0.91
C ILE B 88 1.59 7.92 -0.09
N ASP B 89 2.75 8.12 -0.71
CA ASP B 89 4.02 7.96 0.00
C ASP B 89 4.18 9.02 1.08
N ILE B 90 3.58 10.20 0.91
CA ILE B 90 3.68 11.23 1.93
C ILE B 90 2.73 10.94 3.09
N ALA B 91 1.51 10.51 2.79
CA ALA B 91 0.52 10.24 3.83
C ALA B 91 0.91 9.07 4.73
N ILE B 92 1.74 8.15 4.23
CA ILE B 92 2.23 7.08 5.08
C ILE B 92 3.43 7.52 5.91
N ASP B 93 4.17 8.53 5.46
CA ASP B 93 5.23 9.11 6.27
C ASP B 93 4.69 9.80 7.52
N ASN B 94 3.42 10.20 7.50
CA ASN B 94 2.78 10.85 8.63
C ASN B 94 1.93 9.89 9.45
N ARG B 95 2.08 8.58 9.22
CA ARG B 95 1.42 7.54 10.03
C ARG B 95 -0.10 7.65 9.96
N GLU B 96 -0.63 7.94 8.78
CA GLU B 96 -2.07 8.02 8.61
C GLU B 96 -2.68 6.63 8.65
N ALA B 97 -3.85 6.51 9.29
CA ALA B 97 -4.55 5.24 9.38
C ALA B 97 -5.46 4.98 8.19
N GLU B 98 -5.95 6.03 7.54
CA GLU B 98 -6.83 5.90 6.38
C GLU B 98 -6.73 7.15 5.53
N VAL B 99 -6.41 6.95 4.25
CA VAL B 99 -6.25 8.05 3.30
C VAL B 99 -7.44 8.04 2.35
N PHE B 100 -7.74 9.22 1.79
CA PHE B 100 -8.88 9.39 0.90
C PHE B 100 -8.43 10.03 -0.40
N ILE B 101 -8.94 9.52 -1.52
CA ILE B 101 -8.64 10.04 -2.84
C ILE B 101 -9.94 10.47 -3.50
N ILE B 102 -9.89 11.58 -4.24
CA ILE B 102 -11.05 12.08 -4.97
C ILE B 102 -10.57 12.72 -6.26
N GLY B 103 -11.48 12.79 -7.24
CA GLY B 103 -11.15 13.38 -8.53
C GLY B 103 -12.10 12.94 -9.62
N GLY B 104 -11.56 12.73 -10.83
CA GLY B 104 -12.34 12.31 -11.97
C GLY B 104 -12.12 10.85 -12.32
N ALA B 105 -12.66 10.47 -13.48
CA ALA B 105 -12.54 9.09 -13.95
C ALA B 105 -11.08 8.70 -14.16
N GLU B 106 -10.22 9.66 -14.48
CA GLU B 106 -8.80 9.36 -14.66
C GLU B 106 -8.14 9.02 -13.34
N ILE B 107 -8.32 9.87 -12.32
CA ILE B 107 -7.70 9.63 -11.02
C ILE B 107 -8.21 8.34 -10.41
N TYR B 108 -9.52 8.09 -10.51
CA TYR B 108 -10.09 6.88 -9.93
C TYR B 108 -9.59 5.64 -10.64
N THR B 109 -9.21 5.75 -11.91
CA THR B 109 -8.68 4.60 -12.64
C THR B 109 -7.25 4.28 -12.22
N GLN B 110 -6.42 5.31 -12.03
CA GLN B 110 -5.04 5.08 -11.63
C GLN B 110 -4.92 4.65 -10.16
N SER B 111 -5.91 4.99 -9.34
CA SER B 111 -5.89 4.64 -7.92
C SER B 111 -6.68 3.37 -7.61
N LEU B 112 -7.25 2.71 -8.62
CA LEU B 112 -7.95 1.45 -8.38
C LEU B 112 -6.99 0.36 -7.95
N ALA B 113 -5.78 0.34 -8.52
CA ALA B 113 -4.80 -0.70 -8.23
C ALA B 113 -4.31 -0.67 -6.79
N PHE B 114 -4.57 0.39 -6.04
CA PHE B 114 -4.17 0.48 -4.64
C PHE B 114 -5.34 0.58 -3.67
N ALA B 115 -6.57 0.68 -4.17
CA ALA B 115 -7.71 0.90 -3.30
C ALA B 115 -8.07 -0.36 -2.53
N ASN B 116 -8.37 -0.18 -1.25
CA ASN B 116 -8.91 -1.25 -0.41
C ASN B 116 -10.28 -0.96 0.13
N ARG B 117 -10.82 0.24 -0.08
CA ARG B 117 -12.15 0.62 0.36
C ARG B 117 -12.73 1.64 -0.61
N LEU B 118 -14.03 1.54 -0.86
CA LEU B 118 -14.75 2.47 -1.74
C LEU B 118 -15.89 3.09 -0.96
N TYR B 119 -15.90 4.41 -0.87
CA TYR B 119 -17.00 5.16 -0.25
C TYR B 119 -17.88 5.70 -1.38
N LEU B 120 -18.77 4.84 -1.88
CA LEU B 120 -19.60 5.18 -3.02
C LEU B 120 -20.94 5.74 -2.55
N THR B 121 -21.29 6.92 -3.07
CA THR B 121 -22.62 7.50 -2.88
C THR B 121 -23.42 7.16 -4.12
N GLU B 122 -24.18 6.07 -4.05
CA GLU B 122 -24.91 5.55 -5.20
C GLU B 122 -26.23 6.30 -5.33
N ILE B 123 -26.30 7.19 -6.32
CA ILE B 123 -27.51 7.97 -6.57
C ILE B 123 -28.46 7.15 -7.42
N GLN B 124 -29.67 6.91 -6.90
CA GLN B 124 -30.67 6.07 -7.58
C GLN B 124 -31.26 6.85 -8.75
N THR B 125 -30.47 6.96 -9.82
CA THR B 125 -30.89 7.61 -11.04
C THR B 125 -29.94 7.22 -12.15
N SER B 126 -30.31 7.55 -13.39
CA SER B 126 -29.49 7.29 -14.55
C SER B 126 -29.37 8.55 -15.38
N LEU B 127 -28.15 8.84 -15.83
CA LEU B 127 -27.88 10.02 -16.64
C LEU B 127 -26.98 9.64 -17.81
N GLU B 128 -26.97 10.50 -18.83
CA GLU B 128 -26.05 10.36 -19.95
C GLU B 128 -24.73 11.05 -19.60
N GLY B 129 -23.64 10.31 -19.65
CA GLY B 129 -22.35 10.84 -19.28
C GLY B 129 -21.26 10.32 -20.19
N ASP B 130 -20.18 11.10 -20.29
CA ASP B 130 -18.99 10.71 -21.03
C ASP B 130 -17.80 10.45 -20.10
N ALA B 131 -18.07 10.26 -18.81
CA ALA B 131 -17.05 9.94 -17.83
C ALA B 131 -17.68 9.07 -16.75
N PHE B 132 -17.01 7.97 -16.43
CA PHE B 132 -17.60 6.93 -15.59
C PHE B 132 -16.66 6.53 -14.47
N PHE B 133 -17.22 6.22 -13.32
CA PHE B 133 -16.46 5.53 -12.27
C PHE B 133 -15.98 4.19 -12.83
N PRO B 134 -14.70 3.86 -12.68
CA PRO B 134 -14.17 2.67 -13.35
C PRO B 134 -14.76 1.38 -12.77
N MET B 135 -14.76 0.35 -13.61
CA MET B 135 -15.35 -0.92 -13.23
C MET B 135 -14.49 -1.63 -12.18
N PHE B 136 -15.16 -2.30 -11.25
CA PHE B 136 -14.50 -3.13 -10.25
C PHE B 136 -15.31 -4.40 -10.05
N ASN B 137 -14.63 -5.51 -9.82
CA ASN B 137 -15.29 -6.81 -9.71
C ASN B 137 -16.13 -6.86 -8.45
N LYS B 138 -17.40 -7.26 -8.60
CA LYS B 138 -18.27 -7.38 -7.44
C LYS B 138 -17.84 -8.52 -6.52
N HIS B 139 -17.17 -9.53 -7.07
CA HIS B 139 -16.74 -10.67 -6.27
C HIS B 139 -15.49 -10.38 -5.44
N GLU B 140 -14.74 -9.33 -5.78
CA GLU B 140 -13.50 -9.01 -5.09
C GLU B 140 -13.70 -8.04 -3.93
N TRP B 141 -14.89 -7.48 -3.76
CA TRP B 141 -15.16 -6.51 -2.70
C TRP B 141 -16.31 -6.98 -1.83
N ASN B 142 -16.45 -6.33 -0.68
CA ASN B 142 -17.50 -6.63 0.29
C ASN B 142 -18.18 -5.34 0.72
N GLU B 143 -19.51 -5.38 0.76
CA GLU B 143 -20.30 -4.23 1.17
C GLU B 143 -20.40 -4.20 2.70
N LEU B 144 -19.71 -3.24 3.32
CA LEU B 144 -19.72 -3.15 4.77
C LEU B 144 -21.03 -2.56 5.29
N SER B 145 -21.55 -1.52 4.65
CA SER B 145 -22.75 -0.85 5.12
C SER B 145 -23.44 -0.16 3.96
N ARG B 146 -24.77 -0.22 3.97
CA ARG B 146 -25.61 0.49 3.01
C ARG B 146 -26.62 1.32 3.79
N LYS B 147 -26.74 2.60 3.44
CA LYS B 147 -27.57 3.53 4.19
C LYS B 147 -28.31 4.44 3.21
N HIS B 148 -29.64 4.34 3.21
CA HIS B 148 -30.47 5.05 2.24
C HIS B 148 -30.79 6.46 2.74
N HIS B 149 -30.55 7.45 1.90
CA HIS B 149 -30.98 8.82 2.18
C HIS B 149 -32.18 9.13 1.29
N PRO B 150 -33.37 9.35 1.85
CA PRO B 150 -34.58 9.47 1.04
C PRO B 150 -34.65 10.82 0.33
N LEU B 151 -35.70 10.98 -0.46
CA LEU B 151 -35.94 12.21 -1.19
C LEU B 151 -36.56 13.26 -0.26
N ASP B 152 -36.10 14.50 -0.40
CA ASP B 152 -36.66 15.61 0.37
C ASP B 152 -36.61 16.86 -0.50
N GLU B 153 -37.03 17.98 0.07
CA GLU B 153 -37.07 19.25 -0.65
C GLU B 153 -35.70 19.90 -0.79
N LYS B 154 -34.64 19.25 -0.30
CA LYS B 154 -33.27 19.70 -0.54
C LYS B 154 -32.44 18.62 -1.23
N HIS B 155 -33.07 17.53 -1.67
CA HIS B 155 -32.39 16.46 -2.38
C HIS B 155 -33.34 15.95 -3.47
N ARG B 156 -33.14 16.44 -4.69
CA ARG B 156 -34.01 16.04 -5.80
C ARG B 156 -33.90 14.55 -6.10
N TYR B 157 -32.73 13.97 -5.88
CA TYR B 157 -32.50 12.55 -6.07
C TYR B 157 -32.38 11.84 -4.73
N SER B 158 -32.71 10.55 -4.72
CA SER B 158 -32.49 9.70 -3.57
C SER B 158 -31.22 8.89 -3.79
N PHE B 159 -30.44 8.70 -2.73
CA PHE B 159 -29.13 8.09 -2.86
C PHE B 159 -28.79 7.33 -1.58
N ASP B 160 -27.80 6.45 -1.69
CA ASP B 160 -27.33 5.63 -0.59
C ASP B 160 -25.86 5.88 -0.33
N PHE B 161 -25.46 5.83 0.94
CA PHE B 161 -24.06 5.96 1.34
C PHE B 161 -23.53 4.55 1.58
N VAL B 162 -22.66 4.08 0.68
CA VAL B 162 -22.17 2.71 0.70
C VAL B 162 -20.67 2.72 0.96
N ILE B 163 -20.20 1.66 1.61
CA ILE B 163 -18.78 1.48 1.91
C ILE B 163 -18.40 0.06 1.48
N TYR B 164 -17.57 -0.05 0.46
CA TYR B 164 -17.05 -1.34 0.01
C TYR B 164 -15.64 -1.57 0.56
N GLU B 165 -15.20 -2.82 0.50
CA GLU B 165 -13.86 -3.17 0.94
C GLU B 165 -13.42 -4.43 0.22
N LYS B 166 -12.16 -4.45 -0.21
CA LYS B 166 -11.61 -5.58 -0.94
C LYS B 166 -11.33 -6.74 0.01
N LYS B 167 -11.59 -7.95 -0.45
CA LYS B 167 -11.39 -9.15 0.34
C LYS B 167 -9.91 -9.39 0.63
S SO4 C . 1.80 -16.80 14.12
O1 SO4 C . 1.55 -18.20 13.75
O2 SO4 C . 2.78 -16.75 15.19
O3 SO4 C . 2.31 -16.08 12.95
O4 SO4 C . 0.55 -16.19 14.57
S SO4 D . 5.58 -9.09 13.54
O1 SO4 D . 6.20 -9.79 14.67
O2 SO4 D . 5.30 -10.05 12.48
O3 SO4 D . 6.48 -8.06 13.05
O4 SO4 D . 4.32 -8.47 13.98
S SO4 E . 3.80 -0.96 -8.81
O1 SO4 E . 3.68 -2.34 -9.29
O2 SO4 E . 4.84 -0.89 -7.80
O3 SO4 E . 4.17 -0.10 -9.94
O4 SO4 E . 2.53 -0.52 -8.26
S SO4 F . -3.30 18.70 -14.60
O1 SO4 F . -3.33 17.27 -14.94
O2 SO4 F . -2.13 18.98 -13.78
O3 SO4 F . -3.23 19.48 -15.83
O4 SO4 F . -4.51 19.05 -13.86
S SO4 G . -11.21 15.54 -14.33
O1 SO4 G . -11.35 14.09 -14.53
O2 SO4 G . -9.82 15.84 -13.98
O3 SO4 G . -11.56 16.23 -15.56
O4 SO4 G . -12.09 15.97 -13.25
#